data_5VCY
#
_entry.id   5VCY
#
_cell.length_a   46.630
_cell.length_b   55.000
_cell.length_c   113.660
_cell.angle_alpha   90.000
_cell.angle_beta   90.000
_cell.angle_gamma   90.000
#
_symmetry.space_group_name_H-M   'P 21 21 21'
#
loop_
_entity.id
_entity.type
_entity.pdbx_description
1 polymer 'Membrane-associated tyrosine- and threonine-specific cdc2-inhibitory kinase'
2 non-polymer 4-[(2,4-dichloro-5-methoxyphenyl)amino]-6-methoxy-7-[3-(4-methylpiperazin-1-yl)propoxy]quinoline-3-carbonitrile
3 non-polymer 1,2-ETHANEDIOL
4 non-polymer DI(HYDROXYETHYL)ETHER
5 non-polymer 'DIMETHYL SULFOXIDE'
6 water water
#
_entity_poly.entity_id   1
_entity_poly.type   'polypeptide(L)'
_entity_poly.pdbx_seq_one_letter_code
;MHHHHHHSSGVDLGTENLYFQSMHQLQPRRVSFRGEASETLQSPGYDPSRPESFFQQSFQRLSRLGHGSYGEVFKVRSKE
DGRLYAVKRSMSPFRGPKDRARKLAEVGSHEKVGQHPCCVRLEQAWEEGGILYLQTELCGPSLQQHCEAWGASLPEAQVW
GYLRDTLLALAHLHSQGLVHLDVKPANIFLGPRGRCKLGDFGLLVELGTAGAGEVQEGDPRYMAPELLQGSYGTAADVFS
LGLTILEVACNMELPHGGEGWQQLRQGYLPPEFTAGLSSELRSVLVMMLEPDPKLRATAEALLALPVLRQP
;
_entity_poly.pdbx_strand_id   A
#
# COMPACT_ATOMS: atom_id res chain seq x y z
N ASP A 12 10.89 -8.68 22.26
CA ASP A 12 11.34 -7.30 22.45
C ASP A 12 12.83 -7.16 22.14
N LEU A 13 13.13 -6.69 20.94
CA LEU A 13 14.48 -6.57 20.45
C LEU A 13 15.27 -5.47 21.15
N GLY A 14 14.58 -4.52 21.75
CA GLY A 14 15.25 -3.39 22.38
C GLY A 14 16.05 -3.72 23.63
N THR A 15 15.75 -4.86 24.25
CA THR A 15 16.45 -5.26 25.47
C THR A 15 17.33 -6.48 25.20
N GLU A 16 17.32 -6.99 23.97
CA GLU A 16 18.17 -8.12 23.58
C GLU A 16 19.57 -7.61 23.29
N ASN A 17 20.56 -8.50 23.33
CA ASN A 17 21.95 -8.14 23.09
C ASN A 17 22.26 -8.05 21.60
N LEU A 18 21.60 -7.10 20.94
CA LEU A 18 21.63 -7.01 19.48
C LEU A 18 22.19 -5.67 19.02
N TYR A 19 22.79 -4.95 19.94
CA TYR A 19 23.16 -3.57 19.66
C TYR A 19 24.62 -3.42 19.36
N PHE A 20 24.87 -2.46 18.46
CA PHE A 20 26.18 -1.91 18.14
C PHE A 20 27.07 -2.98 17.52
N GLN A 21 26.56 -3.58 16.43
CA GLN A 21 27.34 -4.50 15.60
C GLN A 21 27.53 -3.91 14.20
N LEU A 26 28.16 -5.16 3.98
CA LEU A 26 29.22 -4.88 3.01
C LEU A 26 28.94 -5.60 1.69
N GLN A 27 28.34 -6.78 1.79
CA GLN A 27 27.90 -7.53 0.63
C GLN A 27 26.39 -7.68 0.73
N PRO A 28 25.69 -7.66 -0.41
CA PRO A 28 24.23 -7.75 -0.27
C PRO A 28 23.77 -9.12 0.23
N ARG A 29 22.65 -9.12 0.96
CA ARG A 29 22.04 -10.34 1.43
C ARG A 29 20.57 -10.28 1.07
N ARG A 30 20.09 -11.33 0.40
CA ARG A 30 18.68 -11.45 0.08
C ARG A 30 17.84 -11.42 1.36
N VAL A 31 16.71 -10.74 1.30
CA VAL A 31 15.73 -10.74 2.37
C VAL A 31 14.51 -11.52 1.91
N SER A 32 14.23 -12.61 2.61
CA SER A 32 13.06 -13.44 2.33
C SER A 32 12.66 -14.19 3.58
N PHE A 33 11.38 -14.15 3.93
CA PHE A 33 10.87 -14.85 5.10
C PHE A 33 10.29 -16.21 4.69
N ARG A 34 9.83 -16.30 3.45
CA ARG A 34 9.23 -17.53 2.93
C ARG A 34 10.27 -18.63 2.76
N GLY A 35 11.55 -18.31 3.00
CA GLY A 35 12.62 -19.28 2.87
C GLY A 35 13.04 -19.42 1.43
N GLU A 36 14.31 -19.11 1.15
CA GLU A 36 14.80 -19.13 -0.21
C GLU A 36 16.32 -19.01 -0.25
N ALA A 37 17.00 -19.98 0.35
CA ALA A 37 18.44 -20.07 0.20
C ALA A 37 18.73 -20.28 -1.29
N SER A 38 19.82 -19.71 -1.82
CA SER A 38 20.84 -18.97 -1.07
C SER A 38 20.41 -17.55 -0.70
N GLU A 39 21.21 -16.90 0.14
CA GLU A 39 21.02 -15.48 0.45
C GLU A 39 22.00 -14.60 -0.33
N THR A 40 22.88 -15.20 -1.13
CA THR A 40 23.80 -14.41 -1.95
C THR A 40 23.09 -13.91 -3.21
N LEU A 41 23.44 -12.71 -3.65
CA LEU A 41 22.90 -12.14 -4.90
C LEU A 41 23.94 -12.12 -6.01
N GLN A 42 23.44 -12.30 -7.22
CA GLN A 42 24.25 -12.27 -8.43
C GLN A 42 23.47 -11.55 -9.50
N SER A 43 24.20 -10.97 -10.45
CA SER A 43 23.58 -10.30 -11.59
C SER A 43 24.60 -10.01 -12.67
N PRO A 44 24.18 -10.10 -13.93
CA PRO A 44 24.98 -9.45 -14.97
C PRO A 44 25.26 -8.01 -14.55
N GLY A 45 26.49 -7.55 -14.74
CA GLY A 45 26.86 -6.19 -14.35
C GLY A 45 27.37 -6.03 -12.92
N TYR A 46 27.23 -7.07 -12.10
CA TYR A 46 27.63 -7.03 -10.70
C TYR A 46 28.88 -7.85 -10.39
N ASP A 47 29.85 -7.19 -9.78
CA ASP A 47 31.07 -7.84 -9.28
C ASP A 47 31.22 -7.42 -7.82
N PRO A 48 31.09 -8.37 -6.89
CA PRO A 48 31.11 -7.95 -5.49
C PRO A 48 32.46 -7.37 -5.04
N SER A 49 33.50 -7.55 -5.84
CA SER A 49 34.79 -6.99 -5.49
C SER A 49 34.90 -5.52 -5.87
N ARG A 50 33.98 -5.02 -6.69
CA ARG A 50 33.92 -3.59 -6.97
C ARG A 50 33.16 -2.93 -5.83
N PRO A 51 33.48 -1.66 -5.54
CA PRO A 51 32.93 -1.03 -4.33
C PRO A 51 31.49 -0.54 -4.45
N GLU A 52 31.00 -0.39 -5.68
CA GLU A 52 29.63 0.07 -5.88
C GLU A 52 28.64 -0.95 -5.32
N SER A 53 27.49 -0.48 -4.85
CA SER A 53 26.48 -1.37 -4.29
C SER A 53 25.88 -2.28 -5.36
N PHE A 54 25.24 -3.36 -4.91
CA PHE A 54 24.50 -4.24 -5.83
C PHE A 54 23.47 -3.45 -6.63
N PHE A 55 22.75 -2.55 -5.95
CA PHE A 55 21.78 -1.69 -6.64
C PHE A 55 22.43 -0.84 -7.74
N GLN A 56 23.57 -0.20 -7.44
CA GLN A 56 24.27 0.60 -8.43
C GLN A 56 24.72 -0.20 -9.65
N GLN A 57 25.28 -1.39 -9.40
CA GLN A 57 25.87 -2.22 -10.43
C GLN A 57 24.87 -3.00 -11.27
N SER A 58 23.72 -3.33 -10.70
CA SER A 58 22.83 -4.33 -11.30
C SER A 58 21.59 -3.74 -11.98
N PHE A 59 21.42 -2.42 -11.90
CA PHE A 59 20.26 -1.74 -12.48
C PHE A 59 20.69 -0.47 -13.19
N GLN A 60 19.93 -0.11 -14.22
CA GLN A 60 19.95 1.24 -14.77
C GLN A 60 18.91 2.05 -14.05
N ARG A 61 19.34 3.13 -13.40
CA ARG A 61 18.42 3.97 -12.64
C ARG A 61 17.88 5.02 -13.61
N LEU A 62 16.58 4.98 -13.85
CA LEU A 62 15.98 5.80 -14.89
C LEU A 62 15.34 7.09 -14.37
N SER A 63 14.55 7.00 -13.30
CA SER A 63 13.95 8.20 -12.74
C SER A 63 13.57 7.95 -11.30
N ARG A 64 13.35 9.03 -10.57
CA ARG A 64 12.84 8.91 -9.21
C ARG A 64 11.33 9.10 -9.25
N LEU A 65 10.63 8.02 -8.95
CA LEU A 65 9.16 7.98 -8.95
C LEU A 65 8.57 8.68 -7.74
N GLY A 66 9.27 8.62 -6.61
CA GLY A 66 8.79 9.24 -5.39
C GLY A 66 9.87 9.33 -4.35
N HIS A 67 9.63 10.14 -3.33
CA HIS A 67 10.56 10.23 -2.21
C HIS A 67 9.82 10.73 -0.98
N GLY A 68 10.44 10.50 0.17
CA GLY A 68 9.88 10.94 1.44
C GLY A 68 10.84 10.58 2.53
N SER A 69 10.38 10.62 3.77
N SER A 69 10.38 10.63 3.77
CA SER A 69 11.25 10.35 4.91
CA SER A 69 11.22 10.35 4.93
C SER A 69 11.75 8.92 4.90
C SER A 69 11.78 8.93 4.86
N TYR A 70 11.00 8.04 4.24
CA TYR A 70 11.35 6.63 4.15
C TYR A 70 12.56 6.35 3.26
N GLY A 71 12.84 7.27 2.35
CA GLY A 71 13.80 7.02 1.28
C GLY A 71 13.25 7.43 -0.06
N GLU A 72 13.48 6.59 -1.06
CA GLU A 72 13.17 6.92 -2.44
C GLU A 72 12.66 5.71 -3.19
N VAL A 73 11.81 5.94 -4.19
CA VAL A 73 11.40 4.90 -5.12
C VAL A 73 11.86 5.29 -6.51
N PHE A 74 12.60 4.38 -7.14
CA PHE A 74 13.16 4.57 -8.48
C PHE A 74 12.50 3.66 -9.50
N LYS A 75 12.30 4.19 -10.69
CA LYS A 75 12.07 3.39 -11.88
C LYS A 75 13.44 2.95 -12.37
N VAL A 76 13.58 1.65 -12.56
CA VAL A 76 14.85 1.06 -12.96
C VAL A 76 14.65 0.05 -14.08
N ARG A 77 15.74 -0.25 -14.79
CA ARG A 77 15.78 -1.36 -15.71
C ARG A 77 16.80 -2.35 -15.18
N SER A 78 16.36 -3.59 -15.01
CA SER A 78 17.19 -4.66 -14.51
C SER A 78 18.20 -5.11 -15.56
N LYS A 79 19.47 -5.23 -15.17
CA LYS A 79 20.46 -5.83 -16.06
C LYS A 79 20.33 -7.37 -16.16
N GLU A 80 19.62 -7.98 -15.23
CA GLU A 80 19.35 -9.42 -15.28
C GLU A 80 18.43 -9.81 -16.44
N ASP A 81 17.32 -9.09 -16.59
CA ASP A 81 16.33 -9.46 -17.60
C ASP A 81 15.93 -8.33 -18.55
N GLY A 82 16.53 -7.15 -18.42
CA GLY A 82 16.20 -6.03 -19.28
C GLY A 82 14.81 -5.42 -19.09
N ARG A 83 14.12 -5.82 -18.02
CA ARG A 83 12.77 -5.34 -17.78
C ARG A 83 12.72 -4.22 -16.77
N LEU A 84 11.63 -3.48 -16.81
CA LEU A 84 11.41 -2.37 -15.91
C LEU A 84 10.82 -2.81 -14.58
N TYR A 85 11.29 -2.17 -13.52
CA TYR A 85 10.84 -2.41 -12.15
C TYR A 85 10.81 -1.10 -11.37
N ALA A 86 10.17 -1.14 -10.20
CA ALA A 86 10.27 -0.07 -9.21
C ALA A 86 11.11 -0.61 -8.04
N VAL A 87 12.03 0.20 -7.55
CA VAL A 87 12.84 -0.18 -6.39
C VAL A 87 12.75 0.89 -5.32
N LYS A 88 12.31 0.48 -4.14
CA LYS A 88 12.28 1.35 -2.98
C LYS A 88 13.55 1.13 -2.19
N ARG A 89 14.28 2.22 -1.92
CA ARG A 89 15.54 2.19 -1.17
C ARG A 89 15.36 3.02 0.07
N SER A 90 15.64 2.44 1.23
CA SER A 90 15.52 3.19 2.47
C SER A 90 16.56 4.33 2.52
N MET A 91 16.26 5.34 3.33
CA MET A 91 17.00 6.60 3.32
C MET A 91 18.43 6.50 3.84
N SER A 92 18.57 5.84 4.98
CA SER A 92 19.84 5.80 5.66
C SER A 92 19.99 4.45 6.34
N PRO A 93 21.22 4.12 6.77
CA PRO A 93 21.42 2.80 7.38
C PRO A 93 20.53 2.58 8.60
N PHE A 94 20.16 1.33 8.85
CA PHE A 94 19.29 0.99 9.97
C PHE A 94 19.75 1.69 11.24
N ARG A 95 18.79 2.25 11.98
CA ARG A 95 19.08 2.93 13.23
C ARG A 95 19.56 1.95 14.30
N GLY A 96 19.16 0.69 14.15
CA GLY A 96 19.39 -0.33 15.15
C GLY A 96 18.49 -1.53 14.88
N PRO A 97 18.50 -2.51 15.78
CA PRO A 97 17.76 -3.76 15.58
C PRO A 97 16.25 -3.58 15.40
N LYS A 98 15.61 -2.68 16.16
CA LYS A 98 14.16 -2.53 16.02
C LYS A 98 13.82 -1.93 14.68
N ASP A 99 14.58 -0.90 14.29
CA ASP A 99 14.39 -0.25 13.00
C ASP A 99 14.57 -1.27 11.87
N ARG A 100 15.63 -2.06 11.96
CA ARG A 100 15.87 -3.10 10.95
C ARG A 100 14.72 -4.08 10.88
N ALA A 101 14.28 -4.58 12.04
CA ALA A 101 13.20 -5.55 12.08
C ALA A 101 11.91 -4.96 11.50
N ARG A 102 11.63 -3.69 11.81
CA ARG A 102 10.43 -3.04 11.28
C ARG A 102 10.47 -2.91 9.76
N LYS A 103 11.61 -2.51 9.23
CA LYS A 103 11.73 -2.35 7.78
C LYS A 103 11.69 -3.72 7.08
N LEU A 104 12.38 -4.72 7.62
CA LEU A 104 12.37 -6.04 7.01
C LEU A 104 10.98 -6.68 7.05
N ALA A 105 10.20 -6.32 8.06
CA ALA A 105 8.84 -6.86 8.19
C ALA A 105 7.98 -6.57 6.96
N GLU A 106 8.28 -5.49 6.24
CA GLU A 106 7.55 -5.19 5.01
C GLU A 106 7.69 -6.33 4.01
N VAL A 107 8.88 -6.92 3.93
CA VAL A 107 9.10 -8.01 3.00
C VAL A 107 8.29 -9.22 3.44
N GLY A 108 8.30 -9.49 4.74
CA GLY A 108 7.50 -10.58 5.28
C GLY A 108 6.02 -10.40 5.00
N SER A 109 5.52 -9.18 5.13
CA SER A 109 4.11 -8.90 4.87
C SER A 109 3.78 -9.10 3.41
N HIS A 110 4.63 -8.52 2.56
CA HIS A 110 4.43 -8.53 1.13
C HIS A 110 4.39 -9.99 0.70
N GLU A 111 5.17 -10.83 1.40
CA GLU A 111 5.17 -12.26 1.14
C GLU A 111 3.97 -13.02 1.77
N LYS A 112 3.47 -12.57 2.92
CA LYS A 112 2.26 -13.16 3.54
C LYS A 112 1.05 -12.97 2.63
N VAL A 113 1.05 -11.86 1.90
CA VAL A 113 -0.02 -11.58 0.96
C VAL A 113 0.10 -12.56 -0.21
N GLY A 114 1.32 -12.79 -0.66
CA GLY A 114 1.57 -13.70 -1.77
C GLY A 114 1.06 -13.13 -3.08
N GLN A 115 1.05 -13.95 -4.12
CA GLN A 115 0.67 -13.50 -5.45
C GLN A 115 -0.84 -13.34 -5.57
N HIS A 116 -1.28 -12.20 -6.08
CA HIS A 116 -2.69 -11.98 -6.37
C HIS A 116 -2.78 -10.94 -7.47
N PRO A 117 -3.70 -11.11 -8.43
CA PRO A 117 -3.72 -10.20 -9.58
C PRO A 117 -4.02 -8.74 -9.27
N CYS A 118 -4.60 -8.47 -8.10
CA CYS A 118 -4.93 -7.10 -7.73
C CYS A 118 -4.02 -6.58 -6.63
N CYS A 119 -2.90 -7.27 -6.40
CA CYS A 119 -1.86 -6.81 -5.49
C CYS A 119 -0.55 -6.66 -6.23
N VAL A 120 0.20 -5.61 -5.94
CA VAL A 120 1.52 -5.41 -6.56
C VAL A 120 2.44 -6.54 -6.14
N ARG A 121 3.10 -7.14 -7.13
CA ARG A 121 4.02 -8.25 -6.92
C ARG A 121 5.43 -7.79 -6.52
N LEU A 122 5.93 -8.41 -5.46
CA LEU A 122 7.32 -8.23 -5.06
C LEU A 122 8.20 -9.22 -5.84
N GLU A 123 9.21 -8.69 -6.52
CA GLU A 123 10.14 -9.50 -7.31
C GLU A 123 11.28 -10.04 -6.45
N GLN A 124 11.90 -9.16 -5.69
CA GLN A 124 12.93 -9.56 -4.73
C GLN A 124 13.24 -8.40 -3.80
N ALA A 125 13.98 -8.71 -2.75
CA ALA A 125 14.36 -7.73 -1.75
C ALA A 125 15.72 -8.12 -1.20
N TRP A 126 16.50 -7.13 -0.82
CA TRP A 126 17.83 -7.40 -0.26
C TRP A 126 18.26 -6.23 0.61
N GLU A 127 19.24 -6.48 1.46
CA GLU A 127 19.85 -5.43 2.26
C GLU A 127 21.34 -5.39 1.94
N GLU A 128 21.90 -4.18 2.02
CA GLU A 128 23.32 -3.96 1.87
C GLU A 128 23.70 -2.66 2.56
N GLY A 129 24.72 -2.71 3.40
CA GLY A 129 25.23 -1.52 4.05
C GLY A 129 24.21 -0.85 4.95
N GLY A 130 23.28 -1.63 5.47
CA GLY A 130 22.22 -1.13 6.33
C GLY A 130 21.03 -0.53 5.62
N ILE A 131 21.02 -0.64 4.30
CA ILE A 131 19.96 -0.12 3.45
C ILE A 131 19.10 -1.28 2.99
N LEU A 132 17.78 -1.11 3.02
CA LEU A 132 16.86 -2.12 2.51
C LEU A 132 16.37 -1.72 1.12
N TYR A 133 16.35 -2.69 0.21
CA TYR A 133 15.87 -2.50 -1.15
C TYR A 133 14.73 -3.46 -1.42
N LEU A 134 13.60 -2.92 -1.90
CA LEU A 134 12.46 -3.73 -2.33
C LEU A 134 12.22 -3.49 -3.80
N GLN A 135 12.23 -4.55 -4.59
CA GLN A 135 12.03 -4.47 -6.02
C GLN A 135 10.67 -5.07 -6.38
N THR A 136 9.77 -4.24 -6.89
CA THR A 136 8.44 -4.68 -7.31
C THR A 136 8.28 -4.54 -8.81
N GLU A 137 7.25 -5.17 -9.35
CA GLU A 137 6.86 -4.85 -10.70
C GLU A 137 6.61 -3.34 -10.79
N LEU A 138 6.89 -2.79 -11.97
CA LEU A 138 6.54 -1.42 -12.26
C LEU A 138 5.09 -1.36 -12.73
N CYS A 139 4.29 -0.56 -12.04
CA CYS A 139 2.91 -0.36 -12.43
C CYS A 139 2.72 0.97 -13.16
N GLY A 140 1.49 1.21 -13.60
CA GLY A 140 1.14 2.49 -14.15
C GLY A 140 0.97 3.49 -13.02
N PRO A 141 0.49 4.70 -13.34
CA PRO A 141 0.35 5.75 -12.33
C PRO A 141 -0.54 5.34 -11.17
N SER A 142 -0.24 5.89 -10.00
CA SER A 142 -1.13 5.73 -8.87
C SER A 142 -2.44 6.45 -9.18
N LEU A 143 -3.49 6.05 -8.49
CA LEU A 143 -4.78 6.70 -8.60
C LEU A 143 -4.63 8.19 -8.29
N GLN A 144 -3.80 8.53 -7.31
CA GLN A 144 -3.53 9.94 -7.00
C GLN A 144 -2.97 10.67 -8.22
N GLN A 145 -1.95 10.10 -8.85
CA GLN A 145 -1.32 10.69 -10.04
C GLN A 145 -2.30 10.83 -11.19
N HIS A 146 -3.11 9.80 -11.36
CA HIS A 146 -4.08 9.75 -12.44
C HIS A 146 -5.13 10.86 -12.27
N CYS A 147 -5.60 11.05 -11.04
CA CYS A 147 -6.56 12.10 -10.75
C CYS A 147 -5.96 13.49 -10.88
N GLU A 148 -4.70 13.63 -10.47
CA GLU A 148 -3.98 14.89 -10.69
C GLU A 148 -3.93 15.23 -12.17
N ALA A 149 -3.59 14.23 -12.99
CA ALA A 149 -3.49 14.40 -14.42
C ALA A 149 -4.84 14.68 -15.08
N TRP A 150 -5.90 14.05 -14.57
CA TRP A 150 -7.26 14.25 -15.09
C TRP A 150 -7.72 15.66 -14.74
N GLY A 151 -7.37 16.12 -13.55
CA GLY A 151 -7.66 17.48 -13.13
C GLY A 151 -9.12 17.70 -12.78
N ALA A 152 -9.83 16.60 -12.55
CA ALA A 152 -11.27 16.65 -12.30
C ALA A 152 -11.73 15.31 -11.74
N SER A 153 -13.00 15.22 -11.39
N SER A 153 -13.00 15.22 -11.40
CA SER A 153 -13.60 13.96 -10.99
CA SER A 153 -13.56 13.95 -10.93
C SER A 153 -13.35 12.89 -12.04
C SER A 153 -13.47 12.87 -12.00
N LEU A 154 -13.12 11.66 -11.59
CA LEU A 154 -13.01 10.55 -12.56
C LEU A 154 -14.40 10.08 -12.98
N PRO A 155 -14.55 9.71 -14.26
CA PRO A 155 -15.83 9.12 -14.68
C PRO A 155 -16.18 7.88 -13.88
N GLU A 156 -17.46 7.69 -13.59
CA GLU A 156 -17.86 6.56 -12.75
C GLU A 156 -17.48 5.21 -13.36
N ALA A 157 -17.50 5.10 -14.69
CA ALA A 157 -17.16 3.84 -15.31
C ALA A 157 -15.76 3.40 -14.90
N GLN A 158 -14.84 4.36 -14.78
CA GLN A 158 -13.48 4.04 -14.31
C GLN A 158 -13.50 3.67 -12.84
N VAL A 159 -14.22 4.48 -12.06
CA VAL A 159 -14.28 4.30 -10.61
C VAL A 159 -14.75 2.91 -10.22
N TRP A 160 -15.79 2.40 -10.91
CA TRP A 160 -16.34 1.09 -10.54
C TRP A 160 -15.28 0.01 -10.66
N GLY A 161 -14.44 0.09 -11.68
CA GLY A 161 -13.42 -0.91 -11.92
C GLY A 161 -12.36 -0.86 -10.85
N TYR A 162 -11.98 0.36 -10.45
CA TYR A 162 -10.97 0.55 -9.41
C TYR A 162 -11.48 0.07 -8.06
N LEU A 163 -12.75 0.35 -7.80
CA LEU A 163 -13.39 -0.09 -6.57
C LEU A 163 -13.41 -1.62 -6.51
N ARG A 164 -13.82 -2.23 -7.61
CA ARG A 164 -13.90 -3.68 -7.67
C ARG A 164 -12.55 -4.33 -7.48
N ASP A 165 -11.54 -3.86 -8.21
CA ASP A 165 -10.22 -4.47 -8.10
C ASP A 165 -9.60 -4.29 -6.72
N THR A 166 -9.75 -3.12 -6.10
CA THR A 166 -9.15 -2.92 -4.79
C THR A 166 -9.93 -3.72 -3.74
N LEU A 167 -11.24 -3.85 -3.92
CA LEU A 167 -12.01 -4.74 -3.06
C LEU A 167 -11.55 -6.20 -3.17
N LEU A 168 -11.21 -6.65 -4.38
CA LEU A 168 -10.68 -7.98 -4.56
C LEU A 168 -9.37 -8.16 -3.78
N ALA A 169 -8.52 -7.13 -3.85
CA ALA A 169 -7.26 -7.14 -3.11
C ALA A 169 -7.53 -7.22 -1.62
N LEU A 170 -8.43 -6.37 -1.13
CA LEU A 170 -8.76 -6.39 0.30
C LEU A 170 -9.37 -7.70 0.75
N ALA A 171 -10.26 -8.29 -0.05
CA ALA A 171 -10.84 -9.57 0.31
C ALA A 171 -9.75 -10.63 0.47
N HIS A 172 -8.75 -10.57 -0.39
CA HIS A 172 -7.59 -11.46 -0.28
C HIS A 172 -6.82 -11.27 1.03
N LEU A 173 -6.50 -10.02 1.37
CA LEU A 173 -5.80 -9.73 2.64
C LEU A 173 -6.65 -10.15 3.83
N HIS A 174 -7.92 -9.75 3.81
CA HIS A 174 -8.80 -9.91 4.96
C HIS A 174 -9.17 -11.36 5.27
N SER A 175 -9.25 -12.19 4.23
CA SER A 175 -9.55 -13.60 4.42
C SER A 175 -8.45 -14.23 5.27
N GLN A 176 -7.26 -13.65 5.21
CA GLN A 176 -6.08 -14.17 5.92
C GLN A 176 -5.78 -13.40 7.21
N GLY A 177 -6.71 -12.53 7.60
CA GLY A 177 -6.59 -11.83 8.85
C GLY A 177 -5.52 -10.76 8.82
N LEU A 178 -5.28 -10.22 7.63
CA LEU A 178 -4.36 -9.12 7.44
C LEU A 178 -5.09 -7.81 7.19
N VAL A 179 -4.59 -6.74 7.78
CA VAL A 179 -5.15 -5.40 7.58
C VAL A 179 -4.05 -4.51 7.01
N HIS A 180 -4.34 -3.85 5.90
CA HIS A 180 -3.36 -3.03 5.19
C HIS A 180 -2.98 -1.77 5.97
N LEU A 181 -4.00 -1.08 6.47
CA LEU A 181 -3.93 0.10 7.32
C LEU A 181 -3.47 1.40 6.66
N ASP A 182 -3.17 1.40 5.36
CA ASP A 182 -2.90 2.67 4.69
C ASP A 182 -3.38 2.69 3.25
N VAL A 183 -4.62 2.23 3.04
CA VAL A 183 -5.24 2.29 1.74
C VAL A 183 -5.52 3.75 1.41
N LYS A 184 -5.04 4.19 0.25
CA LYS A 184 -5.19 5.57 -0.19
C LYS A 184 -4.90 5.69 -1.70
N PRO A 185 -5.30 6.81 -2.33
CA PRO A 185 -5.06 6.96 -3.77
C PRO A 185 -3.60 6.72 -4.19
N ALA A 186 -2.66 7.08 -3.33
CA ALA A 186 -1.25 6.98 -3.69
C ALA A 186 -0.68 5.55 -3.71
N ASN A 187 -1.38 4.55 -3.19
N ASN A 187 -1.46 4.60 -3.18
CA ASN A 187 -0.84 3.19 -3.32
CA ASN A 187 -1.04 3.21 -3.04
C ASN A 187 -1.83 2.22 -3.93
C ASN A 187 -1.78 2.23 -3.97
N ILE A 188 -2.64 2.77 -4.84
CA ILE A 188 -3.41 1.98 -5.78
C ILE A 188 -2.91 2.36 -7.16
N PHE A 189 -2.45 1.37 -7.93
CA PHE A 189 -1.79 1.65 -9.20
C PHE A 189 -2.55 1.12 -10.39
N LEU A 190 -2.66 1.98 -11.40
CA LEU A 190 -3.37 1.64 -12.61
C LEU A 190 -2.57 0.69 -13.47
N GLY A 191 -3.26 -0.24 -14.10
CA GLY A 191 -2.66 -1.09 -15.10
C GLY A 191 -3.34 -0.80 -16.42
N PRO A 192 -3.11 -1.68 -17.41
CA PRO A 192 -3.77 -1.54 -18.71
C PRO A 192 -5.29 -1.70 -18.59
N ARG A 193 -5.98 -1.17 -19.59
CA ARG A 193 -7.45 -1.20 -19.72
C ARG A 193 -8.24 -1.26 -18.41
N GLY A 194 -7.97 -0.32 -17.51
CA GLY A 194 -8.90 -0.02 -16.43
C GLY A 194 -8.83 -0.92 -15.22
N ARG A 195 -7.74 -1.66 -15.06
CA ARG A 195 -7.54 -2.48 -13.87
C ARG A 195 -6.62 -1.74 -12.91
N CYS A 196 -6.55 -2.21 -11.67
CA CYS A 196 -5.58 -1.64 -10.73
C CYS A 196 -5.14 -2.64 -9.66
N LYS A 197 -4.07 -2.26 -8.96
CA LYS A 197 -3.41 -3.11 -7.97
C LYS A 197 -3.13 -2.29 -6.72
N LEU A 198 -3.34 -2.93 -5.56
CA LEU A 198 -2.97 -2.36 -4.27
C LEU A 198 -1.53 -2.71 -3.95
N GLY A 199 -0.78 -1.70 -3.53
CA GLY A 199 0.59 -1.90 -3.07
C GLY A 199 0.82 -1.30 -1.70
N ASP A 200 2.10 -1.24 -1.32
CA ASP A 200 2.57 -0.55 -0.12
C ASP A 200 2.15 -1.27 1.15
N PHE A 201 2.79 -2.41 1.42
CA PHE A 201 2.41 -3.26 2.54
C PHE A 201 3.25 -3.03 3.81
N GLY A 202 3.85 -1.85 3.91
CA GLY A 202 4.72 -1.51 5.03
C GLY A 202 4.03 -1.35 6.37
N LEU A 203 2.74 -1.03 6.36
CA LEU A 203 1.99 -0.85 7.61
C LEU A 203 1.11 -2.07 7.93
N LEU A 204 1.12 -3.05 7.03
CA LEU A 204 0.22 -4.20 7.16
C LEU A 204 0.45 -4.95 8.47
N VAL A 205 -0.65 -5.33 9.12
CA VAL A 205 -0.61 -6.10 10.35
C VAL A 205 -1.41 -7.39 10.25
N GLU A 206 -0.89 -8.43 10.88
CA GLU A 206 -1.62 -9.70 11.02
C GLU A 206 -2.34 -9.67 12.35
N LEU A 207 -3.67 -9.63 12.31
CA LEU A 207 -4.44 -9.51 13.54
C LEU A 207 -4.14 -10.65 14.51
N GLY A 208 -3.99 -10.31 15.78
CA GLY A 208 -3.74 -11.30 16.80
C GLY A 208 -2.29 -11.76 16.88
N THR A 209 -1.39 -10.99 16.27
CA THR A 209 0.03 -11.25 16.39
C THR A 209 0.70 -10.12 17.17
N ALA A 210 1.48 -10.51 18.18
CA ALA A 210 2.11 -9.55 19.08
C ALA A 210 3.03 -8.60 18.31
N GLY A 211 3.22 -7.37 18.81
CA GLY A 211 2.59 -6.89 20.03
C GLY A 211 1.19 -6.37 19.75
N ALA A 212 0.42 -6.16 20.81
CA ALA A 212 -0.91 -5.56 20.69
C ALA A 212 -0.77 -4.14 20.14
N GLY A 213 0.36 -3.51 20.45
CA GLY A 213 0.72 -2.22 19.89
C GLY A 213 1.63 -2.43 18.69
N GLU A 214 2.78 -1.76 18.70
CA GLU A 214 3.74 -1.83 17.59
C GLU A 214 3.17 -1.27 16.28
N VAL A 215 1.90 -0.88 16.32
CA VAL A 215 1.19 -0.50 15.09
C VAL A 215 1.53 0.92 14.65
N GLN A 216 1.87 1.05 13.38
CA GLN A 216 2.09 2.35 12.76
C GLN A 216 0.77 2.89 12.21
N GLU A 217 0.66 4.22 12.16
CA GLU A 217 -0.58 4.87 11.75
C GLU A 217 -0.57 5.27 10.28
N GLY A 218 -1.67 4.99 9.60
CA GLY A 218 -1.84 5.38 8.21
C GLY A 218 -2.17 6.86 8.06
N ASP A 219 -2.33 7.30 6.83
CA ASP A 219 -2.63 8.69 6.51
C ASP A 219 -3.93 9.13 7.24
N PRO A 220 -3.88 10.22 8.01
CA PRO A 220 -5.08 10.56 8.80
C PRO A 220 -6.31 10.86 7.95
N ARG A 221 -6.11 11.27 6.70
CA ARG A 221 -7.26 11.58 5.86
C ARG A 221 -8.17 10.37 5.60
N TYR A 222 -7.60 9.18 5.62
CA TYR A 222 -8.33 7.97 5.23
C TYR A 222 -8.56 7.02 6.40
N MET A 223 -8.17 7.44 7.59
CA MET A 223 -8.18 6.59 8.77
C MET A 223 -9.60 6.28 9.25
N ALA A 224 -9.88 5.01 9.53
CA ALA A 224 -11.17 4.60 10.06
C ALA A 224 -11.33 5.16 11.47
N PRO A 225 -12.55 5.63 11.79
CA PRO A 225 -12.76 6.34 13.06
C PRO A 225 -12.45 5.47 14.29
N GLU A 226 -12.66 4.16 14.20
CA GLU A 226 -12.49 3.31 15.35
C GLU A 226 -11.02 3.12 15.72
N LEU A 227 -10.12 3.47 14.81
CA LEU A 227 -8.69 3.39 15.11
C LEU A 227 -8.26 4.42 16.17
N LEU A 228 -9.05 5.48 16.36
CA LEU A 228 -8.72 6.43 17.41
C LEU A 228 -8.82 5.80 18.79
N GLN A 229 -9.64 4.75 18.90
CA GLN A 229 -9.78 4.00 20.14
C GLN A 229 -8.94 2.73 20.17
N GLY A 230 -8.10 2.56 19.15
CA GLY A 230 -7.25 1.39 19.05
C GLY A 230 -7.99 0.13 18.65
N SER A 231 -9.10 0.28 17.96
CA SER A 231 -9.92 -0.87 17.58
C SER A 231 -9.56 -1.34 16.16
N TYR A 232 -8.57 -2.21 16.08
CA TYR A 232 -8.04 -2.65 14.79
C TYR A 232 -8.80 -3.85 14.25
N GLY A 233 -9.14 -3.81 12.97
CA GLY A 233 -9.77 -4.93 12.31
C GLY A 233 -9.78 -4.67 10.82
N THR A 234 -10.16 -5.68 10.06
CA THR A 234 -10.21 -5.56 8.61
C THR A 234 -11.19 -4.47 8.15
N ALA A 235 -12.22 -4.20 8.94
CA ALA A 235 -13.19 -3.17 8.58
C ALA A 235 -12.51 -1.81 8.34
N ALA A 236 -11.37 -1.59 8.98
CA ALA A 236 -10.68 -0.32 8.84
C ALA A 236 -10.33 -0.02 7.39
N ASP A 237 -9.91 -1.06 6.65
CA ASP A 237 -9.51 -0.89 5.26
C ASP A 237 -10.70 -0.57 4.37
N VAL A 238 -11.87 -1.14 4.69
CA VAL A 238 -13.07 -0.86 3.90
C VAL A 238 -13.42 0.61 4.00
N PHE A 239 -13.33 1.16 5.21
CA PHE A 239 -13.57 2.59 5.41
C PHE A 239 -12.54 3.43 4.63
N SER A 240 -11.27 3.10 4.75
CA SER A 240 -10.24 3.83 4.02
C SER A 240 -10.47 3.78 2.51
N LEU A 241 -10.86 2.63 1.97
CA LEU A 241 -11.15 2.54 0.55
C LEU A 241 -12.40 3.35 0.18
N GLY A 242 -13.37 3.38 1.10
CA GLY A 242 -14.56 4.20 0.90
C GLY A 242 -14.21 5.66 0.68
N LEU A 243 -13.35 6.21 1.54
CA LEU A 243 -12.94 7.60 1.38
C LEU A 243 -12.03 7.81 0.18
N THR A 244 -11.16 6.85 -0.11
CA THR A 244 -10.37 6.89 -1.32
C THR A 244 -11.24 7.03 -2.57
N ILE A 245 -12.27 6.20 -2.66
CA ILE A 245 -13.15 6.22 -3.82
C ILE A 245 -13.99 7.50 -3.83
N LEU A 246 -14.46 7.92 -2.67
CA LEU A 246 -15.18 9.18 -2.57
C LEU A 246 -14.31 10.32 -3.11
N GLU A 247 -13.05 10.39 -2.68
CA GLU A 247 -12.14 11.44 -3.15
C GLU A 247 -11.95 11.43 -4.66
N VAL A 248 -11.67 10.26 -5.23
CA VAL A 248 -11.40 10.22 -6.67
C VAL A 248 -12.66 10.41 -7.54
N ALA A 249 -13.80 9.97 -7.04
CA ALA A 249 -15.05 10.06 -7.78
C ALA A 249 -15.62 11.49 -7.76
N CYS A 250 -15.24 12.26 -6.74
CA CYS A 250 -15.78 13.60 -6.57
C CYS A 250 -14.75 14.73 -6.69
N ASN A 251 -13.49 14.38 -6.90
CA ASN A 251 -12.40 15.35 -6.86
C ASN A 251 -12.43 16.18 -5.58
N MET A 252 -12.59 15.49 -4.46
CA MET A 252 -12.80 16.12 -3.16
C MET A 252 -11.60 15.89 -2.24
N GLU A 253 -10.97 17.00 -1.89
CA GLU A 253 -9.91 17.04 -0.92
C GLU A 253 -10.43 16.59 0.44
N LEU A 254 -9.76 15.64 1.07
CA LEU A 254 -10.18 15.15 2.38
C LEU A 254 -9.41 15.85 3.51
N PRO A 255 -10.13 16.26 4.56
CA PRO A 255 -9.49 16.90 5.71
C PRO A 255 -8.63 15.92 6.51
N HIS A 256 -7.50 16.41 7.00
CA HIS A 256 -6.67 15.68 7.95
C HIS A 256 -7.22 15.76 9.37
N GLY A 257 -8.16 16.66 9.61
CA GLY A 257 -8.70 16.83 10.96
C GLY A 257 -9.83 17.83 10.97
N GLY A 258 -10.19 18.32 12.15
CA GLY A 258 -11.24 19.31 12.30
C GLY A 258 -12.64 18.77 12.09
N GLU A 259 -13.58 19.69 12.02
CA GLU A 259 -14.99 19.37 11.91
C GLU A 259 -15.30 18.45 10.73
N GLY A 260 -14.68 18.72 9.58
CA GLY A 260 -14.94 17.95 8.38
C GLY A 260 -14.49 16.51 8.50
N TRP A 261 -13.35 16.30 9.16
CA TRP A 261 -12.84 14.96 9.44
C TRP A 261 -13.86 14.17 10.27
N GLN A 262 -14.41 14.82 11.28
N GLN A 262 -14.41 14.81 11.29
CA GLN A 262 -15.41 14.23 12.14
CA GLN A 262 -15.41 14.16 12.12
C GLN A 262 -16.69 13.91 11.37
C GLN A 262 -16.65 13.86 11.30
N GLN A 263 -17.13 14.85 10.55
CA GLN A 263 -18.38 14.68 9.76
C GLN A 263 -18.31 13.49 8.81
N LEU A 264 -17.18 13.30 8.13
CA LEU A 264 -17.03 12.18 7.21
C LEU A 264 -17.07 10.84 7.94
N ARG A 265 -16.88 10.88 9.26
CA ARG A 265 -16.91 9.72 10.10
C ARG A 265 -18.20 9.63 10.92
N GLN A 266 -19.20 10.40 10.49
CA GLN A 266 -20.53 10.41 11.07
C GLN A 266 -21.58 10.28 9.96
N GLY A 267 -21.18 9.71 8.83
CA GLY A 267 -22.10 9.44 7.73
C GLY A 267 -22.43 10.61 6.83
N TYR A 268 -21.72 11.72 6.97
CA TYR A 268 -21.93 12.89 6.15
C TYR A 268 -21.28 12.71 4.78
N LEU A 269 -22.07 12.95 3.75
CA LEU A 269 -21.60 13.10 2.38
C LEU A 269 -21.89 14.53 1.94
N PRO A 270 -20.84 15.36 1.80
CA PRO A 270 -21.04 16.77 1.44
C PRO A 270 -21.78 16.94 0.14
N PRO A 271 -22.95 17.59 0.16
CA PRO A 271 -23.76 17.66 -1.05
C PRO A 271 -23.07 18.36 -2.23
N GLU A 272 -22.27 19.38 -1.96
CA GLU A 272 -21.67 20.15 -3.05
C GLU A 272 -20.58 19.37 -3.80
N PHE A 273 -20.15 18.25 -3.22
CA PHE A 273 -19.20 17.38 -3.88
C PHE A 273 -19.82 16.09 -4.37
N THR A 274 -20.89 15.63 -3.72
CA THR A 274 -21.40 14.28 -3.95
C THR A 274 -22.75 14.19 -4.64
N ALA A 275 -23.36 15.33 -4.96
CA ALA A 275 -24.70 15.30 -5.55
C ALA A 275 -24.69 14.69 -6.94
N GLY A 276 -23.52 14.67 -7.58
CA GLY A 276 -23.40 14.12 -8.92
C GLY A 276 -23.11 12.63 -8.99
N LEU A 277 -22.98 11.97 -7.83
CA LEU A 277 -22.84 10.52 -7.79
C LEU A 277 -24.12 9.81 -8.21
N SER A 278 -23.99 8.73 -8.95
CA SER A 278 -25.12 7.84 -9.18
C SER A 278 -25.66 7.32 -7.85
N SER A 279 -26.94 6.98 -7.83
CA SER A 279 -27.53 6.43 -6.62
C SER A 279 -26.82 5.15 -6.22
N GLU A 280 -26.43 4.36 -7.21
CA GLU A 280 -25.78 3.09 -6.94
C GLU A 280 -24.41 3.26 -6.29
N LEU A 281 -23.60 4.19 -6.79
CA LEU A 281 -22.27 4.37 -6.21
C LEU A 281 -22.39 5.00 -4.83
N ARG A 282 -23.29 5.97 -4.68
CA ARG A 282 -23.57 6.55 -3.36
C ARG A 282 -23.98 5.46 -2.35
N SER A 283 -24.84 4.54 -2.77
CA SER A 283 -25.31 3.49 -1.87
C SER A 283 -24.16 2.59 -1.40
N VAL A 284 -23.29 2.21 -2.34
CA VAL A 284 -22.12 1.41 -1.98
C VAL A 284 -21.19 2.18 -1.05
N LEU A 285 -20.94 3.46 -1.32
CA LEU A 285 -20.06 4.23 -0.44
C LEU A 285 -20.63 4.35 0.97
N VAL A 286 -21.94 4.51 1.10
CA VAL A 286 -22.55 4.58 2.43
C VAL A 286 -22.30 3.30 3.20
N MET A 287 -22.33 2.16 2.52
CA MET A 287 -22.06 0.87 3.17
C MET A 287 -20.63 0.79 3.67
N MET A 288 -19.70 1.38 2.91
CA MET A 288 -18.29 1.33 3.22
C MET A 288 -17.89 2.32 4.29
N LEU A 289 -18.64 3.42 4.40
CA LEU A 289 -18.30 4.51 5.31
C LEU A 289 -19.08 4.46 6.62
N GLU A 290 -19.82 3.39 6.84
CA GLU A 290 -20.54 3.19 8.10
C GLU A 290 -19.59 3.43 9.29
N PRO A 291 -19.94 4.35 10.19
CA PRO A 291 -19.02 4.63 11.32
C PRO A 291 -18.74 3.44 12.23
N ASP A 292 -19.73 2.59 12.43
CA ASP A 292 -19.58 1.45 13.33
C ASP A 292 -18.94 0.29 12.58
N PRO A 293 -17.72 -0.09 12.94
CA PRO A 293 -17.08 -1.18 12.18
C PRO A 293 -17.84 -2.51 12.23
N LYS A 294 -18.69 -2.70 13.24
CA LYS A 294 -19.47 -3.93 13.34
C LYS A 294 -20.58 -3.97 12.30
N LEU A 295 -20.97 -2.80 11.81
CA LEU A 295 -22.07 -2.63 10.86
C LEU A 295 -21.58 -2.42 9.43
N ARG A 296 -20.31 -2.03 9.32
CA ARG A 296 -19.69 -1.73 8.03
C ARG A 296 -19.63 -2.98 7.16
N ALA A 297 -19.89 -2.84 5.87
CA ALA A 297 -19.86 -3.99 4.97
C ALA A 297 -18.45 -4.55 4.87
N THR A 298 -18.36 -5.87 4.67
CA THR A 298 -17.09 -6.51 4.39
C THR A 298 -16.79 -6.46 2.89
N ALA A 299 -15.53 -6.63 2.53
CA ALA A 299 -15.16 -6.64 1.12
C ALA A 299 -15.88 -7.75 0.38
N GLU A 300 -15.99 -8.93 1.00
CA GLU A 300 -16.67 -10.06 0.36
C GLU A 300 -18.14 -9.77 0.13
N ALA A 301 -18.76 -9.15 1.13
CA ALA A 301 -20.18 -8.82 1.01
C ALA A 301 -20.41 -7.82 -0.10
N LEU A 302 -19.52 -6.83 -0.22
CA LEU A 302 -19.64 -5.83 -1.29
C LEU A 302 -19.47 -6.47 -2.67
N LEU A 303 -18.50 -7.36 -2.80
CA LEU A 303 -18.23 -8.02 -4.08
C LEU A 303 -19.37 -8.92 -4.53
N ALA A 304 -20.22 -9.32 -3.59
CA ALA A 304 -21.40 -10.12 -3.89
C ALA A 304 -22.53 -9.31 -4.52
N LEU A 305 -22.47 -7.98 -4.37
CA LEU A 305 -23.53 -7.12 -4.92
C LEU A 305 -23.51 -7.20 -6.43
N PRO A 306 -24.69 -7.35 -7.05
CA PRO A 306 -24.68 -7.39 -8.50
C PRO A 306 -24.02 -6.18 -9.17
N VAL A 307 -24.11 -4.98 -8.60
CA VAL A 307 -23.46 -3.83 -9.25
C VAL A 307 -21.95 -3.99 -9.34
N LEU A 308 -21.37 -4.82 -8.47
CA LEU A 308 -19.91 -5.03 -8.48
C LEU A 308 -19.50 -6.36 -9.13
N ARG A 309 -20.42 -7.00 -9.84
CA ARG A 309 -20.10 -8.22 -10.58
C ARG A 309 -19.07 -7.96 -11.68
N GLN A 310 -18.36 -9.01 -12.10
CA GLN A 310 -17.43 -8.93 -13.22
C GLN A 310 -18.09 -8.29 -14.43
N PRO A 311 -17.61 -7.10 -14.86
CA PRO A 311 -18.21 -6.43 -16.02
C PRO A 311 -17.85 -7.09 -17.34
#